data_5N5B
#
_entry.id   5N5B
#
_entity_poly.entity_id   1
_entity_poly.type   'polypeptide(L)'
_entity_poly.pdbx_seq_one_letter_code
;GSKDNIKHVPGGGSVQIVYKPVDLSKVT
;
_entity_poly.pdbx_strand_id   A
#
# COMPACT_ATOMS: atom_id res chain seq x y z
N GLY A 1 -16.28 -8.17 25.09
CA GLY A 1 -14.94 -8.68 25.40
C GLY A 1 -13.86 -7.73 24.87
N SER A 2 -14.22 -6.92 23.88
CA SER A 2 -13.26 -5.97 23.30
C SER A 2 -13.78 -4.55 23.38
N LYS A 3 -12.84 -3.60 23.41
CA LYS A 3 -13.18 -2.18 23.49
C LYS A 3 -14.14 -1.76 22.37
N ASP A 4 -13.73 -0.73 21.64
CA ASP A 4 -14.50 -0.18 20.54
C ASP A 4 -14.09 -0.82 19.22
N ASN A 5 -13.24 -1.86 19.27
CA ASN A 5 -12.82 -2.52 18.04
C ASN A 5 -12.12 -1.55 17.10
N ILE A 6 -11.11 -0.85 17.61
CA ILE A 6 -10.40 0.13 16.82
C ILE A 6 -9.66 -0.50 15.64
N LYS A 7 -9.82 0.16 14.52
CA LYS A 7 -9.24 -0.25 13.24
C LYS A 7 -7.78 0.17 13.10
N HIS A 8 -6.95 -0.73 12.59
CA HIS A 8 -5.54 -0.43 12.38
C HIS A 8 -5.22 -0.71 10.90
N VAL A 9 -4.45 0.17 10.22
CA VAL A 9 -4.17 -0.04 8.78
C VAL A 9 -2.66 -0.07 8.47
N PRO A 10 -1.98 -1.16 8.77
CA PRO A 10 -0.52 -1.28 8.46
C PRO A 10 -0.25 -1.13 6.97
N GLY A 11 -1.25 -1.48 6.16
CA GLY A 11 -1.11 -1.39 4.72
C GLY A 11 -2.47 -1.52 4.03
N GLY A 12 -2.80 -0.54 3.21
CA GLY A 12 -4.06 -0.52 2.47
C GLY A 12 -3.89 0.21 1.16
N GLY A 13 -2.73 0.01 0.56
CA GLY A 13 -2.38 0.70 -0.67
C GLY A 13 -1.55 1.91 -0.26
N SER A 14 -1.47 2.06 1.05
CA SER A 14 -0.69 3.09 1.71
C SER A 14 0.76 2.94 1.32
N VAL A 15 1.11 1.71 1.01
CA VAL A 15 2.47 1.34 0.70
C VAL A 15 3.05 2.17 -0.44
N GLN A 16 2.24 2.46 -1.48
CA GLN A 16 2.68 3.31 -2.62
C GLN A 16 2.70 2.58 -3.97
N ILE A 17 1.55 2.53 -4.63
CA ILE A 17 1.46 1.93 -5.97
C ILE A 17 2.53 0.87 -6.24
N VAL A 18 2.59 -0.17 -5.43
CA VAL A 18 3.61 -1.19 -5.68
C VAL A 18 3.48 -1.70 -7.09
N TYR A 19 2.26 -1.89 -7.55
CA TYR A 19 2.08 -2.36 -8.90
C TYR A 19 2.49 -1.27 -9.87
N LYS A 20 3.65 -1.43 -10.46
CA LYS A 20 4.12 -0.45 -11.41
C LYS A 20 3.33 -0.54 -12.71
N PRO A 21 2.78 0.54 -13.21
CA PRO A 21 2.13 0.44 -14.53
C PRO A 21 3.19 -0.09 -15.47
N VAL A 22 2.85 -0.84 -16.52
CA VAL A 22 3.96 -1.37 -17.32
C VAL A 22 4.73 -0.25 -17.98
N ASP A 23 6.04 -0.24 -17.76
CA ASP A 23 6.91 0.71 -18.41
C ASP A 23 7.50 0.07 -19.67
N LEU A 24 7.47 -1.26 -19.72
CA LEU A 24 8.04 -1.97 -20.85
C LEU A 24 7.34 -1.63 -22.16
N SER A 25 6.02 -1.46 -22.10
CA SER A 25 5.26 -1.13 -23.31
C SER A 25 5.71 0.21 -23.85
N LYS A 26 6.13 1.06 -22.92
CA LYS A 26 6.57 2.41 -23.24
C LYS A 26 7.77 2.42 -24.19
N VAL A 27 8.67 1.46 -24.05
CA VAL A 27 9.87 1.41 -24.89
C VAL A 27 9.53 1.36 -26.38
N THR A 28 8.43 0.70 -26.72
CA THR A 28 8.03 0.58 -28.12
C THR A 28 9.13 -0.06 -28.95
N GLY A 1 -12.13 -2.48 26.36
CA GLY A 1 -11.99 -2.10 27.76
C GLY A 1 -12.22 -0.61 27.95
N SER A 2 -11.73 -0.05 29.05
CA SER A 2 -11.90 1.37 29.32
C SER A 2 -11.32 2.20 28.17
N LYS A 3 -10.22 1.71 27.61
CA LYS A 3 -9.58 2.39 26.49
C LYS A 3 -10.04 1.81 25.16
N ASP A 4 -10.09 2.65 24.13
CA ASP A 4 -10.47 2.17 22.81
C ASP A 4 -9.53 1.07 22.44
N ASN A 5 -8.30 1.27 22.87
CA ASN A 5 -7.22 0.34 22.65
C ASN A 5 -6.16 0.98 21.85
N ILE A 6 -5.80 0.30 20.82
CA ILE A 6 -4.76 0.80 19.98
C ILE A 6 -5.24 0.95 18.58
N LYS A 7 -4.94 2.08 18.03
CA LYS A 7 -5.24 2.30 16.63
C LYS A 7 -4.04 2.88 15.90
N HIS A 8 -3.57 2.16 14.90
CA HIS A 8 -2.50 2.64 14.05
C HIS A 8 -2.73 2.30 12.60
N VAL A 9 -2.30 3.21 11.73
CA VAL A 9 -2.40 2.98 10.29
C VAL A 9 -1.03 3.13 9.67
N PRO A 10 -0.14 2.17 9.88
CA PRO A 10 1.23 2.26 9.31
C PRO A 10 1.19 2.34 7.78
N GLY A 11 0.09 1.83 7.23
CA GLY A 11 -0.11 1.85 5.79
C GLY A 11 -0.96 0.66 5.35
N GLY A 12 -1.90 0.93 4.46
CA GLY A 12 -2.77 -0.11 3.93
C GLY A 12 -2.09 -0.81 2.77
N GLY A 13 -0.86 -0.37 2.49
CA GLY A 13 -0.07 -0.91 1.40
C GLY A 13 -0.26 -0.02 0.18
N SER A 14 -1.11 0.99 0.35
CA SER A 14 -1.38 1.95 -0.71
C SER A 14 -0.32 3.05 -0.69
N VAL A 15 0.66 2.89 0.19
CA VAL A 15 1.72 3.87 0.37
C VAL A 15 2.50 4.07 -0.91
N GLN A 16 2.74 2.95 -1.55
CA GLN A 16 3.50 2.88 -2.76
C GLN A 16 2.86 1.86 -3.67
N ILE A 17 3.31 1.84 -4.90
CA ILE A 17 2.78 0.92 -5.88
C ILE A 17 3.71 -0.25 -6.18
N VAL A 18 3.20 -1.45 -5.87
CA VAL A 18 3.90 -2.69 -6.16
C VAL A 18 3.71 -3.01 -7.63
N TYR A 19 2.56 -2.57 -8.13
CA TYR A 19 2.20 -2.80 -9.51
C TYR A 19 3.08 -2.13 -10.57
N LYS A 20 3.71 -1.01 -10.25
CA LYS A 20 4.58 -0.37 -11.22
C LYS A 20 3.84 -0.13 -12.54
N PRO A 21 2.84 0.73 -12.54
CA PRO A 21 2.04 1.04 -13.76
C PRO A 21 2.40 0.24 -15.02
N VAL A 22 2.62 0.94 -16.14
CA VAL A 22 2.92 0.28 -17.42
C VAL A 22 4.34 0.53 -17.92
N ASP A 23 5.30 0.57 -17.00
CA ASP A 23 6.68 0.81 -17.35
C ASP A 23 7.19 -0.17 -18.41
N LEU A 24 6.73 -1.41 -18.37
CA LEU A 24 7.20 -2.41 -19.34
C LEU A 24 6.94 -1.94 -20.77
N SER A 25 5.84 -1.24 -21.00
CA SER A 25 5.51 -0.71 -22.32
C SER A 25 6.58 0.28 -22.79
N LYS A 26 7.27 0.85 -21.81
CA LYS A 26 8.29 1.87 -22.07
C LYS A 26 9.37 1.36 -23.02
N VAL A 27 9.71 0.07 -22.92
CA VAL A 27 10.74 -0.50 -23.78
C VAL A 27 10.23 -1.78 -24.44
N THR A 28 10.61 -1.99 -25.70
CA THR A 28 10.19 -3.16 -26.45
C THR A 28 10.97 -4.39 -26.00
N GLY A 1 -18.00 0.74 27.44
CA GLY A 1 -18.35 -0.18 26.37
C GLY A 1 -17.14 -0.43 25.46
N SER A 2 -17.27 -0.06 24.19
CA SER A 2 -16.17 -0.26 23.25
C SER A 2 -14.95 0.57 23.65
N LYS A 3 -13.79 0.14 23.18
CA LYS A 3 -12.54 0.82 23.47
C LYS A 3 -12.38 2.00 22.53
N ASP A 4 -11.40 2.83 22.82
CA ASP A 4 -11.14 4.04 22.04
C ASP A 4 -11.12 3.74 20.55
N ASN A 5 -10.67 2.54 20.18
CA ASN A 5 -10.62 2.19 18.76
C ASN A 5 -9.65 3.08 18.00
N ILE A 6 -8.40 3.18 18.49
CA ILE A 6 -7.44 4.04 17.82
C ILE A 6 -7.21 3.48 16.43
N LYS A 7 -7.29 4.37 15.46
CA LYS A 7 -7.20 4.00 14.05
C LYS A 7 -5.78 3.81 13.51
N HIS A 8 -5.62 2.71 12.79
CA HIS A 8 -4.37 2.39 12.11
C HIS A 8 -4.70 2.25 10.62
N VAL A 9 -3.85 2.75 9.72
CA VAL A 9 -4.19 2.64 8.29
C VAL A 9 -3.07 1.99 7.46
N PRO A 10 -2.89 0.71 7.62
CA PRO A 10 -1.90 -0.06 6.82
C PRO A 10 -2.25 0.00 5.33
N GLY A 11 -3.54 0.24 5.07
CA GLY A 11 -4.07 0.30 3.73
C GLY A 11 -4.08 1.71 3.16
N GLY A 12 -3.16 2.56 3.59
CA GLY A 12 -3.14 3.93 3.12
C GLY A 12 -2.39 4.05 1.79
N GLY A 13 -2.20 5.28 1.37
CA GLY A 13 -1.47 5.57 0.13
C GLY A 13 -0.16 4.83 0.17
N SER A 14 0.28 4.55 1.39
CA SER A 14 1.54 3.85 1.61
C SER A 14 1.60 2.52 0.84
N VAL A 15 0.46 1.84 0.72
CA VAL A 15 0.41 0.56 0.00
C VAL A 15 0.83 0.76 -1.44
N GLN A 16 0.37 1.88 -2.01
CA GLN A 16 0.59 2.25 -3.41
C GLN A 16 0.85 1.04 -4.32
N ILE A 17 0.77 1.31 -5.60
CA ILE A 17 0.91 0.28 -6.62
C ILE A 17 2.26 -0.43 -6.56
N VAL A 18 3.29 0.25 -6.04
CA VAL A 18 4.65 -0.31 -5.91
C VAL A 18 5.18 -0.94 -7.22
N TYR A 19 4.32 -1.68 -7.92
CA TYR A 19 4.69 -2.37 -9.17
C TYR A 19 5.10 -1.53 -10.43
N LYS A 20 4.66 -0.26 -10.60
CA LYS A 20 5.09 0.57 -11.78
C LYS A 20 4.39 0.13 -13.07
N PRO A 21 3.13 0.51 -13.24
CA PRO A 21 2.30 0.12 -14.45
C PRO A 21 2.86 0.43 -15.84
N VAL A 22 3.58 1.52 -15.98
CA VAL A 22 4.11 1.88 -17.29
C VAL A 22 5.18 0.95 -17.86
N ASP A 23 6.09 0.45 -17.03
CA ASP A 23 7.20 -0.33 -17.57
C ASP A 23 6.73 -1.49 -18.42
N LEU A 24 5.68 -2.20 -18.02
CA LEU A 24 5.20 -3.28 -18.87
C LEU A 24 4.68 -2.69 -20.17
N SER A 25 4.05 -1.52 -20.05
CA SER A 25 3.53 -0.82 -21.22
C SER A 25 4.70 -0.52 -22.15
N LYS A 26 5.83 -0.21 -21.53
CA LYS A 26 7.03 0.09 -22.30
C LYS A 26 7.92 -1.13 -22.42
N VAL A 27 8.11 -1.58 -23.64
CA VAL A 27 9.01 -2.70 -23.91
C VAL A 27 9.97 -2.34 -25.03
N THR A 28 11.24 -2.68 -24.87
CA THR A 28 12.23 -2.38 -25.90
C THR A 28 13.12 -3.59 -26.15
N GLY A 1 -3.41 -4.39 34.25
CA GLY A 1 -4.53 -4.67 33.36
C GLY A 1 -4.06 -4.96 31.95
N SER A 2 -4.87 -4.57 30.96
CA SER A 2 -4.53 -4.79 29.56
C SER A 2 -4.52 -3.46 28.80
N LYS A 3 -3.78 -3.44 27.70
CA LYS A 3 -3.67 -2.24 26.89
C LYS A 3 -4.70 -2.18 25.77
N ASP A 4 -4.94 -0.96 25.31
CA ASP A 4 -5.91 -0.68 24.26
C ASP A 4 -5.63 -1.55 23.03
N ASN A 5 -4.35 -1.85 22.76
CA ASN A 5 -4.04 -2.67 21.59
C ASN A 5 -4.42 -1.98 20.28
N ILE A 6 -3.90 -0.77 20.11
CA ILE A 6 -4.21 0.00 18.92
C ILE A 6 -3.57 -0.66 17.70
N LYS A 7 -4.31 -0.69 16.60
CA LYS A 7 -3.88 -1.35 15.37
C LYS A 7 -2.86 -0.57 14.55
N HIS A 8 -2.00 -1.34 13.89
CA HIS A 8 -0.99 -0.78 13.00
C HIS A 8 -1.23 -1.34 11.60
N VAL A 9 -1.08 -0.51 10.57
CA VAL A 9 -1.27 -0.97 9.20
C VAL A 9 -0.01 -0.71 8.38
N PRO A 10 1.02 -1.48 8.61
CA PRO A 10 2.32 -1.33 7.90
C PRO A 10 2.23 -1.51 6.38
N GLY A 11 1.23 -2.26 5.92
CA GLY A 11 1.09 -2.52 4.48
C GLY A 11 -0.34 -2.43 3.98
N GLY A 12 -0.99 -1.28 4.15
CA GLY A 12 -2.34 -1.14 3.63
C GLY A 12 -2.23 -1.42 2.15
N GLY A 13 -1.05 -1.10 1.69
CA GLY A 13 -0.67 -1.18 0.29
C GLY A 13 -0.80 0.23 -0.20
N SER A 14 -1.40 1.01 0.69
CA SER A 14 -1.62 2.41 0.48
C SER A 14 -0.30 3.18 0.44
N VAL A 15 0.71 2.65 1.14
CA VAL A 15 1.98 3.36 1.24
C VAL A 15 2.62 3.57 -0.11
N GLN A 16 2.62 2.49 -0.87
CA GLN A 16 3.19 2.46 -2.19
C GLN A 16 2.43 1.49 -3.06
N ILE A 17 2.64 1.62 -4.36
CA ILE A 17 2.02 0.67 -5.29
C ILE A 17 3.09 -0.04 -6.14
N VAL A 18 2.95 -1.37 -6.15
CA VAL A 18 3.82 -2.29 -6.88
C VAL A 18 3.73 -2.19 -8.41
N TYR A 19 2.55 -1.86 -8.95
CA TYR A 19 2.35 -1.92 -10.40
C TYR A 19 3.37 -1.19 -11.29
N LYS A 20 3.96 -0.07 -10.92
CA LYS A 20 4.92 0.55 -11.82
C LYS A 20 4.25 0.76 -13.21
N PRO A 21 3.24 1.60 -13.29
CA PRO A 21 2.51 1.87 -14.56
C PRO A 21 3.00 1.05 -15.76
N VAL A 22 2.82 -0.26 -15.67
CA VAL A 22 3.21 -1.19 -16.74
C VAL A 22 4.27 -0.59 -17.66
N ASP A 23 5.36 -0.13 -17.07
CA ASP A 23 6.43 0.45 -17.87
C ASP A 23 6.99 -0.56 -18.87
N LEU A 24 7.02 -1.84 -18.50
CA LEU A 24 7.53 -2.82 -19.45
C LEU A 24 6.71 -2.79 -20.72
N SER A 25 5.39 -2.59 -20.58
CA SER A 25 4.54 -2.50 -21.76
C SER A 25 4.95 -1.29 -22.56
N LYS A 26 5.49 -0.31 -21.84
CA LYS A 26 5.95 0.91 -22.45
C LYS A 26 7.33 0.70 -23.00
N VAL A 27 7.55 1.13 -24.23
CA VAL A 27 8.85 0.98 -24.87
C VAL A 27 9.32 2.29 -25.47
N THR A 28 10.62 2.54 -25.36
CA THR A 28 11.21 3.77 -25.89
C THR A 28 10.78 3.99 -27.33
N GLY A 1 -7.50 -5.67 26.52
CA GLY A 1 -8.05 -4.88 27.60
C GLY A 1 -9.10 -3.90 27.09
N SER A 2 -9.45 -2.92 27.92
CA SER A 2 -10.45 -1.92 27.54
C SER A 2 -9.80 -0.81 26.71
N LYS A 3 -8.53 -0.96 26.40
CA LYS A 3 -7.81 0.04 25.63
C LYS A 3 -7.84 -0.27 24.13
N ASP A 4 -7.82 0.79 23.35
CA ASP A 4 -7.78 0.69 21.90
C ASP A 4 -6.32 0.63 21.51
N ASN A 5 -5.52 0.44 22.56
CA ASN A 5 -4.07 0.41 22.46
C ASN A 5 -3.57 1.34 21.41
N ILE A 6 -2.95 0.81 20.37
CA ILE A 6 -2.42 1.68 19.36
C ILE A 6 -3.05 1.39 18.05
N LYS A 7 -3.45 2.45 17.40
CA LYS A 7 -4.04 2.31 16.07
C LYS A 7 -3.30 3.16 15.06
N HIS A 8 -2.76 2.48 14.06
CA HIS A 8 -2.13 3.13 12.93
C HIS A 8 -2.54 2.40 11.67
N VAL A 9 -2.71 3.12 10.56
CA VAL A 9 -3.10 2.43 9.32
C VAL A 9 -2.10 2.70 8.19
N PRO A 10 -0.90 2.19 8.31
CA PRO A 10 0.13 2.33 7.23
C PRO A 10 -0.31 1.59 5.96
N GLY A 11 -1.21 0.62 6.15
CA GLY A 11 -1.73 -0.22 5.06
C GLY A 11 -2.85 0.50 4.30
N GLY A 12 -2.79 1.81 4.35
CA GLY A 12 -3.78 2.66 3.68
C GLY A 12 -3.85 2.33 2.20
N GLY A 13 -2.75 1.80 1.72
CA GLY A 13 -2.57 1.51 0.31
C GLY A 13 -1.72 2.65 -0.20
N SER A 14 -1.48 3.55 0.74
CA SER A 14 -0.63 4.70 0.58
C SER A 14 0.78 4.20 0.37
N VAL A 15 0.95 2.93 0.74
CA VAL A 15 2.23 2.27 0.70
C VAL A 15 2.80 2.37 -0.71
N GLN A 16 1.92 2.18 -1.70
CA GLN A 16 2.24 2.28 -3.13
C GLN A 16 1.86 1.00 -3.87
N ILE A 17 1.47 1.17 -5.12
CA ILE A 17 1.02 0.08 -5.98
C ILE A 17 2.12 -1.00 -6.25
N VAL A 18 3.39 -0.61 -6.18
CA VAL A 18 4.52 -1.55 -6.39
C VAL A 18 4.56 -2.30 -7.75
N TYR A 19 3.42 -2.59 -8.37
CA TYR A 19 3.43 -3.40 -9.61
C TYR A 19 4.11 -2.74 -10.83
N LYS A 20 4.38 -1.43 -10.78
CA LYS A 20 5.03 -0.76 -11.93
C LYS A 20 4.03 -0.59 -13.09
N PRO A 21 3.02 0.21 -12.88
CA PRO A 21 1.98 0.50 -13.90
C PRO A 21 2.30 -0.02 -15.31
N VAL A 22 2.55 0.89 -16.25
CA VAL A 22 2.83 0.51 -17.63
C VAL A 22 4.28 0.78 -18.01
N ASP A 23 5.15 1.00 -17.03
CA ASP A 23 6.52 1.30 -17.36
C ASP A 23 7.13 0.22 -18.25
N LEU A 24 6.81 -1.04 -17.99
CA LEU A 24 7.33 -2.11 -18.83
C LEU A 24 6.89 -1.91 -20.28
N SER A 25 5.64 -1.46 -20.45
CA SER A 25 5.07 -1.21 -21.77
C SER A 25 5.88 -0.16 -22.54
N LYS A 26 6.41 0.79 -21.80
CA LYS A 26 7.17 1.89 -22.38
C LYS A 26 8.34 1.41 -23.23
N VAL A 27 8.99 0.33 -22.81
CA VAL A 27 10.11 -0.18 -23.60
C VAL A 27 9.67 -0.48 -25.01
N THR A 28 8.42 -0.94 -25.15
CA THR A 28 7.86 -1.28 -26.45
C THR A 28 8.94 -1.81 -27.39
N GLY A 1 -9.98 -2.59 32.03
CA GLY A 1 -10.91 -2.84 30.95
C GLY A 1 -10.22 -2.75 29.59
N SER A 2 -10.98 -2.34 28.58
CA SER A 2 -10.44 -2.22 27.23
C SER A 2 -10.70 -0.83 26.65
N LYS A 3 -9.88 -0.46 25.67
CA LYS A 3 -9.98 0.83 25.00
C LYS A 3 -10.94 0.74 23.82
N ASP A 4 -11.23 1.89 23.22
CA ASP A 4 -12.22 1.95 22.14
C ASP A 4 -11.66 1.43 20.81
N ASN A 5 -10.46 0.84 20.85
CA ASN A 5 -9.90 0.22 19.63
C ASN A 5 -9.67 1.17 18.45
N ILE A 6 -8.97 2.29 18.64
CA ILE A 6 -8.74 3.17 17.50
C ILE A 6 -7.76 2.46 16.58
N LYS A 7 -8.08 2.43 15.29
CA LYS A 7 -7.28 1.71 14.30
C LYS A 7 -6.31 2.55 13.49
N HIS A 8 -5.16 1.94 13.21
CA HIS A 8 -4.13 2.54 12.35
C HIS A 8 -3.82 1.49 11.27
N VAL A 9 -4.04 1.83 10.00
CA VAL A 9 -3.82 0.83 8.92
C VAL A 9 -2.95 1.32 7.75
N PRO A 10 -1.66 1.38 7.91
CA PRO A 10 -0.74 1.79 6.79
C PRO A 10 -0.84 0.85 5.58
N GLY A 11 -1.30 -0.37 5.84
CA GLY A 11 -1.43 -1.40 4.81
C GLY A 11 -2.54 -1.06 3.81
N GLY A 12 -2.92 0.21 3.74
CA GLY A 12 -3.96 0.64 2.82
C GLY A 12 -3.60 0.26 1.40
N GLY A 13 -2.30 0.20 1.18
CA GLY A 13 -1.74 -0.04 -0.13
C GLY A 13 -1.38 1.34 -0.63
N SER A 14 -1.76 2.28 0.24
CA SER A 14 -1.50 3.69 0.09
C SER A 14 -0.01 3.91 0.20
N VAL A 15 0.64 2.91 0.78
CA VAL A 15 2.07 2.97 1.07
C VAL A 15 2.86 3.24 -0.20
N GLN A 16 2.47 2.61 -1.31
CA GLN A 16 3.16 2.83 -2.57
C GLN A 16 2.38 2.10 -3.67
N ILE A 17 3.05 1.66 -4.72
CA ILE A 17 2.39 0.94 -5.81
C ILE A 17 2.92 -0.48 -5.84
N VAL A 18 2.03 -1.43 -6.00
CA VAL A 18 2.44 -2.82 -6.03
C VAL A 18 3.42 -3.14 -7.16
N TYR A 19 3.24 -2.57 -8.36
CA TYR A 19 4.14 -2.92 -9.48
C TYR A 19 4.42 -1.81 -10.51
N LYS A 20 4.26 -0.54 -10.17
CA LYS A 20 4.51 0.47 -11.20
C LYS A 20 3.69 0.10 -12.45
N PRO A 21 2.38 0.17 -12.38
CA PRO A 21 1.47 -0.24 -13.49
C PRO A 21 2.14 -0.63 -14.81
N VAL A 22 2.79 0.32 -15.51
CA VAL A 22 3.41 -0.03 -16.80
C VAL A 22 4.87 0.43 -16.90
N ASP A 23 5.60 -0.24 -17.79
CA ASP A 23 6.99 0.08 -18.04
C ASP A 23 7.32 -0.08 -19.54
N LEU A 24 7.18 -1.31 -20.05
CA LEU A 24 7.46 -1.59 -21.47
C LEU A 24 6.55 -0.78 -22.41
N SER A 25 5.31 -0.57 -22.01
CA SER A 25 4.36 0.18 -22.84
C SER A 25 4.88 1.59 -23.07
N LYS A 26 5.69 2.05 -22.13
CA LYS A 26 6.26 3.39 -22.21
C LYS A 26 7.05 3.56 -23.51
N VAL A 27 7.73 2.49 -23.92
CA VAL A 27 8.52 2.51 -25.15
C VAL A 27 8.20 1.29 -26.02
N THR A 28 8.18 1.49 -27.33
CA THR A 28 7.88 0.40 -28.25
C THR A 28 9.13 -0.42 -28.52
N GLY A 1 -10.23 -9.41 24.35
CA GLY A 1 -11.60 -9.30 23.85
C GLY A 1 -12.38 -8.26 24.64
N SER A 2 -12.26 -8.30 25.96
CA SER A 2 -12.96 -7.36 26.82
C SER A 2 -12.50 -5.93 26.54
N LYS A 3 -11.28 -5.79 26.05
CA LYS A 3 -10.72 -4.49 25.73
C LYS A 3 -11.05 -4.10 24.30
N ASP A 4 -10.92 -2.81 24.01
CA ASP A 4 -11.23 -2.31 22.69
C ASP A 4 -10.40 -3.03 21.63
N ASN A 5 -9.17 -3.41 21.95
CA ASN A 5 -8.40 -4.16 20.96
C ASN A 5 -8.24 -3.34 19.69
N ILE A 6 -7.70 -2.14 19.81
CA ILE A 6 -7.61 -1.27 18.65
C ILE A 6 -7.16 -2.07 17.44
N LYS A 7 -7.84 -1.75 16.35
CA LYS A 7 -7.68 -2.40 15.06
C LYS A 7 -6.25 -2.34 14.54
N HIS A 8 -5.55 -1.24 14.79
CA HIS A 8 -4.18 -1.11 14.29
C HIS A 8 -4.18 -1.09 12.77
N VAL A 9 -3.83 0.06 12.21
CA VAL A 9 -3.79 0.22 10.76
C VAL A 9 -2.40 0.64 10.32
N PRO A 10 -1.47 -0.29 10.25
CA PRO A 10 -0.08 0.03 9.83
C PRO A 10 -0.09 0.71 8.47
N GLY A 11 -1.15 0.45 7.72
CA GLY A 11 -1.31 1.04 6.41
C GLY A 11 -2.73 0.83 5.89
N GLY A 12 -3.34 1.94 5.49
CA GLY A 12 -4.70 1.91 4.94
C GLY A 12 -4.65 1.46 3.50
N GLY A 13 -3.47 0.97 3.12
CA GLY A 13 -3.20 0.53 1.76
C GLY A 13 -2.48 1.65 1.03
N SER A 14 -2.34 2.77 1.74
CA SER A 14 -1.63 3.92 1.21
C SER A 14 -0.19 3.52 0.89
N VAL A 15 0.31 2.59 1.71
CA VAL A 15 1.68 2.06 1.59
C VAL A 15 2.38 2.58 0.35
N GLN A 16 2.59 1.69 -0.61
CA GLN A 16 3.22 2.08 -1.86
C GLN A 16 2.51 1.40 -3.03
N ILE A 17 2.61 2.03 -4.18
CA ILE A 17 1.93 1.54 -5.38
C ILE A 17 2.60 0.36 -6.09
N VAL A 18 3.91 0.19 -5.93
CA VAL A 18 4.69 -0.89 -6.58
C VAL A 18 3.89 -1.67 -7.65
N TYR A 19 2.91 -1.03 -8.28
CA TYR A 19 2.10 -1.70 -9.30
C TYR A 19 2.87 -1.95 -10.61
N LYS A 20 3.95 -1.22 -10.81
CA LYS A 20 4.75 -1.39 -12.02
C LYS A 20 3.87 -1.18 -13.25
N PRO A 21 3.35 0.00 -13.39
CA PRO A 21 2.49 0.37 -14.55
C PRO A 21 3.23 0.19 -15.86
N VAL A 22 2.50 -0.25 -16.89
CA VAL A 22 3.05 -0.50 -18.24
C VAL A 22 4.50 -0.05 -18.38
N ASP A 23 5.40 -0.61 -17.56
CA ASP A 23 6.80 -0.25 -17.61
C ASP A 23 7.38 -0.48 -19.00
N LEU A 24 6.95 -1.54 -19.68
CA LEU A 24 7.49 -1.83 -21.00
C LEU A 24 7.25 -0.66 -21.96
N SER A 25 6.11 0.00 -21.81
CA SER A 25 5.76 1.16 -22.63
C SER A 25 6.74 2.30 -22.39
N LYS A 26 7.37 2.28 -21.22
CA LYS A 26 8.30 3.33 -20.81
C LYS A 26 9.44 3.52 -21.80
N VAL A 27 9.92 2.44 -22.41
CA VAL A 27 11.03 2.57 -23.37
C VAL A 27 10.72 1.86 -24.68
N THR A 28 11.17 2.46 -25.78
CA THR A 28 10.97 1.92 -27.12
C THR A 28 11.45 0.47 -27.20
N GLY A 1 -3.44 -4.22 24.96
CA GLY A 1 -3.95 -3.71 23.70
C GLY A 1 -5.45 -3.46 23.78
N SER A 2 -6.07 -3.92 24.87
CA SER A 2 -7.50 -3.76 25.06
C SER A 2 -7.89 -2.29 25.01
N LYS A 3 -6.99 -1.43 25.49
CA LYS A 3 -7.24 0.01 25.53
C LYS A 3 -7.56 0.55 24.14
N ASP A 4 -6.86 0.02 23.13
CA ASP A 4 -7.06 0.41 21.74
C ASP A 4 -6.03 -0.28 20.86
N ASN A 5 -4.91 -0.66 21.47
CA ASN A 5 -3.85 -1.33 20.74
C ASN A 5 -3.37 -0.51 19.56
N ILE A 6 -3.11 0.79 19.79
CA ILE A 6 -2.68 1.71 18.73
C ILE A 6 -2.93 1.13 17.34
N LYS A 7 -3.88 1.75 16.66
CA LYS A 7 -4.28 1.31 15.33
C LYS A 7 -3.12 1.28 14.32
N HIS A 8 -2.19 2.25 14.40
CA HIS A 8 -1.05 2.33 13.46
C HIS A 8 -1.08 1.22 12.40
N VAL A 9 -1.51 1.57 11.18
CA VAL A 9 -1.62 0.60 10.09
C VAL A 9 -0.83 1.04 8.85
N PRO A 10 0.47 0.95 8.85
CA PRO A 10 1.24 1.33 7.63
C PRO A 10 0.80 0.46 6.45
N GLY A 11 0.22 -0.68 6.79
CA GLY A 11 -0.27 -1.65 5.81
C GLY A 11 -1.63 -1.24 5.24
N GLY A 12 -1.91 0.05 5.25
CA GLY A 12 -3.18 0.55 4.73
C GLY A 12 -3.32 0.10 3.29
N GLY A 13 -2.18 -0.12 2.69
CA GLY A 13 -2.08 -0.47 1.30
C GLY A 13 -1.74 0.82 0.60
N SER A 14 -1.71 1.86 1.44
CA SER A 14 -1.35 3.19 1.03
C SER A 14 0.05 3.16 0.46
N VAL A 15 0.84 2.28 1.06
CA VAL A 15 2.25 2.09 0.70
C VAL A 15 2.63 2.80 -0.59
N GLN A 16 2.96 2.01 -1.60
CA GLN A 16 3.38 2.53 -2.89
C GLN A 16 2.82 1.69 -4.03
N ILE A 17 2.87 2.24 -5.23
CA ILE A 17 2.37 1.55 -6.42
C ILE A 17 3.19 0.28 -6.66
N VAL A 18 2.63 -0.85 -6.26
CA VAL A 18 3.32 -2.11 -6.45
C VAL A 18 3.48 -2.38 -7.93
N TYR A 19 2.39 -2.10 -8.64
CA TYR A 19 2.32 -2.27 -10.09
C TYR A 19 3.21 -1.38 -10.96
N LYS A 20 3.49 -0.16 -10.56
CA LYS A 20 4.36 0.66 -11.41
C LYS A 20 3.82 0.65 -12.86
N PRO A 21 2.64 1.18 -13.10
CA PRO A 21 2.04 1.21 -14.47
C PRO A 21 2.86 0.45 -15.51
N VAL A 22 3.07 -0.84 -15.24
CA VAL A 22 3.84 -1.73 -16.12
C VAL A 22 4.46 -0.98 -17.30
N ASP A 23 5.35 -0.04 -16.97
CA ASP A 23 6.03 0.79 -17.95
C ASP A 23 6.77 -0.07 -18.98
N LEU A 24 7.34 -1.19 -18.56
CA LEU A 24 8.09 -2.01 -19.50
C LEU A 24 7.20 -2.41 -20.67
N SER A 25 5.92 -2.66 -20.41
CA SER A 25 5.00 -2.99 -21.48
C SER A 25 5.02 -1.85 -22.49
N LYS A 26 5.17 -0.63 -21.95
CA LYS A 26 5.21 0.57 -22.79
C LYS A 26 6.57 0.68 -23.46
N VAL A 27 6.56 0.94 -24.76
CA VAL A 27 7.80 1.07 -25.53
C VAL A 27 7.77 2.33 -26.38
N THR A 28 8.93 2.99 -26.49
CA THR A 28 9.03 4.21 -27.28
C THR A 28 10.45 4.42 -27.78
N GLY A 1 -9.40 -6.17 30.06
CA GLY A 1 -8.99 -5.92 28.68
C GLY A 1 -9.50 -4.58 28.18
N SER A 2 -10.81 -4.51 27.94
CA SER A 2 -11.45 -3.29 27.44
C SER A 2 -10.44 -2.34 26.79
N LYS A 3 -9.72 -2.85 25.79
CA LYS A 3 -8.76 -2.03 25.06
C LYS A 3 -9.46 -1.41 23.86
N ASP A 4 -8.98 -0.27 23.40
CA ASP A 4 -9.61 0.37 22.28
C ASP A 4 -9.10 -0.23 20.97
N ASN A 5 -8.32 -1.31 21.08
CA ASN A 5 -7.85 -1.98 19.87
C ASN A 5 -7.06 -1.04 18.97
N ILE A 6 -5.98 -0.42 19.50
CA ILE A 6 -5.25 0.55 18.69
C ILE A 6 -4.72 -0.12 17.43
N LYS A 7 -4.96 0.56 16.31
CA LYS A 7 -4.59 0.10 14.99
C LYS A 7 -3.16 0.44 14.60
N HIS A 8 -2.49 -0.55 14.00
CA HIS A 8 -1.15 -0.36 13.49
C HIS A 8 -1.22 -0.54 11.98
N VAL A 9 -0.55 0.32 11.21
CA VAL A 9 -0.64 0.20 9.75
C VAL A 9 0.72 0.07 9.09
N PRO A 10 1.38 -1.03 9.27
CA PRO A 10 2.66 -1.27 8.57
C PRO A 10 2.36 -1.30 7.09
N GLY A 11 1.07 -1.52 6.83
CA GLY A 11 0.54 -1.62 5.49
C GLY A 11 -0.99 -1.50 5.51
N GLY A 12 -1.60 -1.80 4.37
CA GLY A 12 -3.04 -1.70 4.22
C GLY A 12 -3.36 -0.83 3.01
N GLY A 13 -2.44 -0.87 2.06
CA GLY A 13 -2.53 -0.08 0.83
C GLY A 13 -1.70 1.17 1.04
N SER A 14 -1.26 1.31 2.28
CA SER A 14 -0.41 2.40 2.71
C SER A 14 0.89 2.43 1.93
N VAL A 15 1.33 1.24 1.52
CA VAL A 15 2.63 1.13 0.86
C VAL A 15 2.69 2.00 -0.38
N GLN A 16 1.62 2.01 -1.16
CA GLN A 16 1.52 2.80 -2.40
C GLN A 16 1.17 1.91 -3.58
N ILE A 17 1.04 2.55 -4.71
CA ILE A 17 0.76 1.88 -5.98
C ILE A 17 1.75 0.80 -6.33
N VAL A 18 3.04 1.09 -6.16
CA VAL A 18 4.10 0.14 -6.48
C VAL A 18 3.81 -0.71 -7.73
N TYR A 19 2.64 -0.53 -8.39
CA TYR A 19 2.36 -1.35 -9.56
C TYR A 19 3.30 -1.02 -10.68
N LYS A 20 3.85 0.18 -10.61
CA LYS A 20 4.81 0.61 -11.61
C LYS A 20 4.20 0.52 -12.99
N PRO A 21 3.15 1.28 -13.28
CA PRO A 21 2.45 1.23 -14.60
C PRO A 21 2.90 0.02 -15.41
N VAL A 22 3.35 0.17 -16.65
CA VAL A 22 3.86 -1.01 -17.36
C VAL A 22 5.30 -0.78 -17.77
N ASP A 23 6.16 -1.73 -17.39
CA ASP A 23 7.57 -1.66 -17.76
C ASP A 23 7.75 -1.75 -19.27
N LEU A 24 6.91 -2.60 -19.88
CA LEU A 24 6.98 -2.86 -21.30
C LEU A 24 6.75 -1.63 -22.16
N SER A 25 5.84 -0.75 -21.73
CA SER A 25 5.57 0.46 -22.51
C SER A 25 6.64 1.52 -22.26
N LYS A 26 7.55 1.23 -21.34
CA LYS A 26 8.60 2.17 -21.01
C LYS A 26 9.45 2.50 -22.24
N VAL A 27 9.69 1.49 -23.09
CA VAL A 27 10.47 1.69 -24.31
C VAL A 27 9.65 1.35 -25.55
N THR A 28 9.71 2.20 -26.58
CA THR A 28 8.95 1.94 -27.81
C THR A 28 9.88 1.36 -28.88
N GLY A 1 -11.72 -9.55 24.20
CA GLY A 1 -13.06 -9.11 24.53
C GLY A 1 -13.05 -7.78 25.26
N SER A 2 -12.28 -7.71 26.35
CA SER A 2 -12.19 -6.49 27.13
C SER A 2 -11.61 -5.36 26.29
N LYS A 3 -10.80 -5.72 25.29
CA LYS A 3 -10.20 -4.74 24.41
C LYS A 3 -11.09 -4.60 23.18
N ASP A 4 -11.05 -3.45 22.54
CA ASP A 4 -11.90 -3.23 21.38
C ASP A 4 -11.23 -3.80 20.13
N ASN A 5 -10.11 -4.50 20.32
CA ASN A 5 -9.45 -5.14 19.19
C ASN A 5 -9.05 -4.12 18.09
N ILE A 6 -8.28 -3.09 18.43
CA ILE A 6 -7.97 -2.07 17.42
C ILE A 6 -7.20 -2.67 16.26
N LYS A 7 -7.68 -2.30 15.07
CA LYS A 7 -7.14 -2.78 13.79
C LYS A 7 -5.91 -2.02 13.31
N HIS A 8 -4.94 -2.77 12.79
CA HIS A 8 -3.73 -2.20 12.22
C HIS A 8 -3.69 -2.65 10.75
N VAL A 9 -3.43 -1.72 9.82
CA VAL A 9 -3.45 -2.08 8.40
C VAL A 9 -2.15 -1.73 7.66
N PRO A 10 -1.12 -2.52 7.79
CA PRO A 10 0.15 -2.26 7.06
C PRO A 10 -0.10 -2.22 5.54
N GLY A 11 -1.16 -2.90 5.11
CA GLY A 11 -1.53 -2.96 3.70
C GLY A 11 -2.84 -2.21 3.48
N GLY A 12 -2.91 -1.00 4.02
CA GLY A 12 -4.13 -0.19 3.91
C GLY A 12 -4.22 0.54 2.57
N GLY A 13 -3.30 0.22 1.67
CA GLY A 13 -3.28 0.86 0.37
C GLY A 13 -2.30 2.03 0.45
N SER A 14 -1.71 2.14 1.62
CA SER A 14 -0.71 3.17 1.90
C SER A 14 0.63 2.69 1.37
N VAL A 15 0.58 1.56 0.67
CA VAL A 15 1.78 0.95 0.12
C VAL A 15 2.37 1.82 -0.98
N GLN A 16 1.52 2.66 -1.56
CA GLN A 16 1.92 3.58 -2.63
C GLN A 16 2.77 2.91 -3.72
N ILE A 17 2.20 2.93 -4.92
CA ILE A 17 2.80 2.37 -6.14
C ILE A 17 3.79 1.23 -5.89
N VAL A 18 3.47 0.07 -6.45
CA VAL A 18 4.33 -1.10 -6.36
C VAL A 18 4.15 -1.96 -7.62
N TYR A 19 2.90 -2.11 -8.05
CA TYR A 19 2.59 -2.90 -9.23
C TYR A 19 3.22 -2.34 -10.52
N LYS A 20 3.39 -1.02 -10.61
CA LYS A 20 4.00 -0.41 -11.80
C LYS A 20 3.16 -0.59 -13.07
N PRO A 21 2.07 0.13 -13.21
CA PRO A 21 1.24 -0.02 -14.45
C PRO A 21 2.07 0.17 -15.72
N VAL A 22 3.19 0.87 -15.60
CA VAL A 22 4.08 1.09 -16.73
C VAL A 22 5.45 0.47 -16.50
N ASP A 23 5.91 -0.26 -17.50
CA ASP A 23 7.21 -0.90 -17.46
C ASP A 23 7.65 -1.23 -18.88
N LEU A 24 6.84 -2.07 -19.54
CA LEU A 24 7.09 -2.49 -20.90
C LEU A 24 7.08 -1.31 -21.87
N SER A 25 6.21 -0.33 -21.61
CA SER A 25 6.11 0.83 -22.49
C SER A 25 7.44 1.58 -22.53
N LYS A 26 8.18 1.47 -21.43
CA LYS A 26 9.47 2.15 -21.32
C LYS A 26 10.42 1.71 -22.43
N VAL A 27 10.37 0.43 -22.80
CA VAL A 27 11.25 -0.08 -23.85
C VAL A 27 11.03 0.69 -25.15
N THR A 28 9.80 1.11 -25.39
CA THR A 28 9.46 1.87 -26.59
C THR A 28 7.99 2.26 -26.57
N GLY A 1 -1.14 -4.72 27.78
CA GLY A 1 -2.26 -5.65 27.60
C GLY A 1 -3.57 -4.91 27.49
N SER A 2 -4.01 -4.30 28.57
CA SER A 2 -5.27 -3.57 28.58
C SER A 2 -5.21 -2.41 27.59
N LYS A 3 -4.01 -1.89 27.35
CA LYS A 3 -3.83 -0.77 26.43
C LYS A 3 -3.45 -1.26 25.04
N ASP A 4 -3.83 -0.49 24.03
CA ASP A 4 -3.51 -0.82 22.65
C ASP A 4 -2.13 -0.26 22.36
N ASN A 5 -1.49 0.16 23.44
CA ASN A 5 -0.16 0.74 23.42
C ASN A 5 0.14 1.48 22.13
N ILE A 6 0.89 0.88 21.22
CA ILE A 6 1.25 1.60 20.01
C ILE A 6 0.65 1.01 18.76
N LYS A 7 0.04 1.90 18.00
CA LYS A 7 -0.55 1.56 16.71
C LYS A 7 0.52 1.67 15.63
N HIS A 8 0.64 0.65 14.77
CA HIS A 8 1.66 0.70 13.72
C HIS A 8 1.07 0.50 12.31
N VAL A 9 1.15 1.57 11.48
CA VAL A 9 0.66 1.50 10.10
C VAL A 9 1.66 2.11 9.10
N PRO A 10 2.76 1.47 8.80
CA PRO A 10 3.73 2.05 7.82
C PRO A 10 3.13 2.26 6.42
N GLY A 11 2.08 1.50 6.12
CA GLY A 11 1.43 1.58 4.81
C GLY A 11 -0.09 1.65 4.95
N GLY A 12 -0.72 0.52 4.63
CA GLY A 12 -2.18 0.44 4.69
C GLY A 12 -2.78 0.91 3.39
N GLY A 13 -2.06 0.61 2.32
CA GLY A 13 -2.45 0.99 0.98
C GLY A 13 -1.74 2.26 0.60
N SER A 14 -0.92 2.75 1.53
CA SER A 14 -0.15 3.95 1.27
C SER A 14 1.11 3.60 0.51
N VAL A 15 1.24 2.31 0.21
CA VAL A 15 2.39 1.79 -0.51
C VAL A 15 2.48 2.40 -1.92
N GLN A 16 1.32 2.59 -2.55
CA GLN A 16 1.25 3.15 -3.91
C GLN A 16 1.54 2.11 -4.96
N ILE A 17 0.49 1.62 -5.60
CA ILE A 17 0.66 0.65 -6.65
C ILE A 17 1.51 -0.50 -6.16
N VAL A 18 1.25 -1.65 -6.70
CA VAL A 18 1.96 -2.84 -6.31
C VAL A 18 3.44 -2.68 -6.47
N TYR A 19 3.82 -1.94 -7.47
CA TYR A 19 5.23 -1.78 -7.71
C TYR A 19 5.53 -0.59 -8.58
N LYS A 20 5.68 -0.97 -9.80
CA LYS A 20 5.96 -0.11 -10.91
C LYS A 20 4.89 -0.31 -11.95
N PRO A 21 3.94 0.57 -12.09
CA PRO A 21 2.93 0.31 -13.16
C PRO A 21 3.70 -0.04 -14.42
N VAL A 22 3.13 -0.83 -15.32
CA VAL A 22 3.94 -1.27 -16.44
C VAL A 22 4.46 -0.10 -17.26
N ASP A 23 5.77 -0.08 -17.49
CA ASP A 23 6.34 0.93 -18.32
C ASP A 23 6.51 0.38 -19.74
N LEU A 24 6.12 -0.88 -19.92
CA LEU A 24 6.19 -1.55 -21.23
C LEU A 24 5.25 -0.90 -22.21
N SER A 25 4.15 -0.38 -21.67
CA SER A 25 3.12 0.24 -22.48
C SER A 25 3.71 1.38 -23.30
N LYS A 26 4.79 1.97 -22.80
CA LYS A 26 5.44 3.08 -23.47
C LYS A 26 5.89 2.64 -24.87
N VAL A 27 6.27 1.38 -24.96
CA VAL A 27 6.75 0.80 -26.21
C VAL A 27 5.69 0.87 -27.30
N THR A 28 4.44 0.62 -26.93
CA THR A 28 3.35 0.66 -27.89
C THR A 28 2.64 2.01 -27.86
N GLY A 1 -15.29 -0.77 32.25
CA GLY A 1 -13.88 -0.45 32.07
C GLY A 1 -13.35 -1.06 30.77
N SER A 2 -14.24 -1.20 29.77
CA SER A 2 -13.84 -1.76 28.49
C SER A 2 -12.82 -0.84 27.81
N LYS A 3 -11.97 -1.41 26.95
CA LYS A 3 -10.96 -0.61 26.29
C LYS A 3 -11.34 -0.34 24.83
N ASP A 4 -10.94 0.85 24.38
CA ASP A 4 -11.14 1.26 23.00
C ASP A 4 -9.94 0.81 22.24
N ASN A 5 -9.20 -0.04 22.93
CA ASN A 5 -7.99 -0.58 22.42
C ASN A 5 -7.26 0.44 21.61
N ILE A 6 -6.55 -0.03 20.62
CA ILE A 6 -5.76 0.87 19.82
C ILE A 6 -6.11 0.80 18.35
N LYS A 7 -6.26 1.98 17.83
CA LYS A 7 -6.55 2.18 16.41
C LYS A 7 -5.24 2.43 15.65
N HIS A 8 -4.99 1.72 14.54
CA HIS A 8 -3.75 1.95 13.79
C HIS A 8 -4.01 2.10 12.28
N VAL A 9 -3.35 3.09 11.64
CA VAL A 9 -3.51 3.31 10.19
C VAL A 9 -2.15 3.32 9.47
N PRO A 10 -1.55 2.17 9.29
CA PRO A 10 -0.24 2.05 8.58
C PRO A 10 -0.32 2.56 7.14
N GLY A 11 -1.54 2.61 6.62
CA GLY A 11 -1.79 3.02 5.24
C GLY A 11 -2.32 1.81 4.49
N GLY A 12 -3.42 1.97 3.77
CA GLY A 12 -4.00 0.82 3.08
C GLY A 12 -3.58 0.73 1.62
N GLY A 13 -4.21 1.54 0.77
CA GLY A 13 -3.90 1.54 -0.64
C GLY A 13 -2.73 2.46 -0.99
N SER A 14 -2.65 3.57 -0.27
CA SER A 14 -1.64 4.58 -0.54
C SER A 14 -0.22 4.08 -0.38
N VAL A 15 -0.04 3.13 0.53
CA VAL A 15 1.28 2.60 0.83
C VAL A 15 2.24 2.72 -0.38
N GLN A 16 2.39 1.61 -1.08
CA GLN A 16 3.27 1.55 -2.25
C GLN A 16 2.67 0.65 -3.33
N ILE A 17 3.09 0.83 -4.59
CA ILE A 17 2.59 -0.04 -5.67
C ILE A 17 3.76 -0.76 -6.34
N VAL A 18 3.65 -2.09 -6.43
CA VAL A 18 4.71 -2.91 -7.05
C VAL A 18 4.88 -2.72 -8.57
N TYR A 19 3.76 -2.64 -9.30
CA TYR A 19 3.82 -2.52 -10.76
C TYR A 19 4.40 -1.24 -11.32
N LYS A 20 4.31 -0.15 -10.62
CA LYS A 20 4.85 1.08 -11.17
C LYS A 20 4.19 1.34 -12.53
N PRO A 21 2.89 1.54 -12.56
CA PRO A 21 2.14 1.77 -13.82
C PRO A 21 2.81 1.23 -15.07
N VAL A 22 2.15 0.22 -15.64
CA VAL A 22 2.57 -0.45 -16.86
C VAL A 22 3.96 -0.02 -17.35
N ASP A 23 4.95 -0.14 -16.48
CA ASP A 23 6.31 0.21 -16.84
C ASP A 23 6.73 -0.54 -18.09
N LEU A 24 6.29 -1.80 -18.23
CA LEU A 24 6.66 -2.60 -19.39
C LEU A 24 6.21 -1.95 -20.70
N SER A 25 5.05 -1.29 -20.66
CA SER A 25 4.53 -0.62 -21.85
C SER A 25 5.50 0.46 -22.31
N LYS A 26 6.25 0.99 -21.35
CA LYS A 26 7.20 2.06 -21.62
C LYS A 26 8.21 1.64 -22.68
N VAL A 27 8.65 0.39 -22.60
CA VAL A 27 9.61 -0.14 -23.58
C VAL A 27 9.00 -0.13 -24.98
N THR A 28 7.71 -0.47 -25.04
CA THR A 28 6.98 -0.54 -26.29
C THR A 28 7.36 -1.80 -27.06
N GLY A 1 -9.46 -2.46 32.80
CA GLY A 1 -10.60 -3.13 32.19
C GLY A 1 -10.27 -3.55 30.75
N SER A 2 -11.15 -3.19 29.82
CA SER A 2 -10.94 -3.53 28.41
C SER A 2 -10.83 -2.27 27.54
N LYS A 3 -9.95 -2.34 26.56
CA LYS A 3 -9.75 -1.23 25.63
C LYS A 3 -10.49 -1.47 24.33
N ASP A 4 -10.88 -0.38 23.67
CA ASP A 4 -11.61 -0.49 22.41
C ASP A 4 -10.85 -1.34 21.44
N ASN A 5 -9.55 -1.21 21.45
CA ASN A 5 -8.74 -1.98 20.55
C ASN A 5 -7.28 -1.59 20.67
N ILE A 6 -6.90 -0.83 19.68
CA ILE A 6 -5.55 -0.32 19.47
C ILE A 6 -5.24 -0.47 18.00
N LYS A 7 -5.62 0.51 17.21
CA LYS A 7 -5.41 0.39 15.78
C LYS A 7 -4.01 0.79 15.38
N HIS A 8 -3.45 -0.01 14.48
CA HIS A 8 -2.16 0.28 13.92
C HIS A 8 -2.26 0.16 12.42
N VAL A 9 -2.03 1.25 11.70
CA VAL A 9 -2.13 1.23 10.25
C VAL A 9 -0.84 1.74 9.59
N PRO A 10 0.19 0.94 9.55
CA PRO A 10 1.46 1.39 8.92
C PRO A 10 1.19 1.79 7.47
N GLY A 11 0.13 1.22 6.92
CA GLY A 11 -0.27 1.51 5.55
C GLY A 11 -1.61 0.87 5.23
N GLY A 12 -2.53 1.68 4.72
CA GLY A 12 -3.85 1.18 4.33
C GLY A 12 -3.74 0.56 2.95
N GLY A 13 -2.51 0.50 2.47
CA GLY A 13 -2.19 -0.03 1.16
C GLY A 13 -2.04 1.10 0.15
N SER A 14 -2.39 2.31 0.59
CA SER A 14 -2.25 3.49 -0.24
C SER A 14 -0.79 3.67 -0.64
N VAL A 15 0.05 3.31 0.31
CA VAL A 15 1.51 3.42 0.19
C VAL A 15 1.99 3.70 -1.24
N GLN A 16 2.52 2.66 -1.89
CA GLN A 16 3.06 2.77 -3.24
C GLN A 16 2.81 1.50 -4.04
N ILE A 17 3.08 1.53 -5.35
CA ILE A 17 2.84 0.36 -6.18
C ILE A 17 4.05 -0.53 -6.44
N VAL A 18 3.94 -1.76 -5.94
CA VAL A 18 4.89 -2.82 -6.20
C VAL A 18 4.77 -3.24 -7.67
N TYR A 19 3.53 -3.14 -8.17
CA TYR A 19 3.17 -3.53 -9.53
C TYR A 19 3.83 -2.79 -10.70
N LYS A 20 4.54 -1.69 -10.44
CA LYS A 20 5.25 -0.99 -11.53
C LYS A 20 4.27 -0.42 -12.58
N PRO A 21 3.48 0.57 -12.22
CA PRO A 21 2.50 1.21 -13.15
C PRO A 21 2.48 0.69 -14.59
N VAL A 22 2.88 1.54 -15.54
CA VAL A 22 2.85 1.20 -16.97
C VAL A 22 4.24 1.06 -17.58
N ASP A 23 5.25 0.82 -16.77
CA ASP A 23 6.60 0.72 -17.30
C ASP A 23 6.67 -0.27 -18.46
N LEU A 24 5.91 -1.36 -18.42
CA LEU A 24 5.95 -2.30 -19.53
C LEU A 24 5.50 -1.58 -20.81
N SER A 25 4.52 -0.69 -20.66
CA SER A 25 4.00 0.11 -21.77
C SER A 25 5.10 0.96 -22.39
N LYS A 26 6.06 1.35 -21.55
CA LYS A 26 7.16 2.23 -21.97
C LYS A 26 7.92 1.63 -23.15
N VAL A 27 8.06 0.31 -23.18
CA VAL A 27 8.78 -0.34 -24.28
C VAL A 27 7.82 -1.16 -25.13
N THR A 28 7.96 -1.03 -26.45
CA THR A 28 7.11 -1.75 -27.38
C THR A 28 7.69 -3.13 -27.70
N GLY A 1 -11.67 -5.03 25.43
CA GLY A 1 -11.90 -3.76 26.12
C GLY A 1 -13.03 -2.98 25.46
N SER A 2 -13.35 -1.83 26.02
CA SER A 2 -14.42 -1.00 25.48
C SER A 2 -13.92 -0.16 24.32
N LYS A 3 -12.65 -0.36 23.95
CA LYS A 3 -12.06 0.38 22.84
C LYS A 3 -12.23 -0.41 21.55
N ASP A 4 -12.45 0.29 20.43
CA ASP A 4 -12.67 -0.41 19.16
C ASP A 4 -11.50 -1.30 18.81
N ASN A 5 -10.32 -0.81 19.09
CA ASN A 5 -9.10 -1.56 18.82
C ASN A 5 -7.91 -0.70 19.20
N ILE A 6 -7.39 -0.02 18.17
CA ILE A 6 -6.24 0.87 18.31
C ILE A 6 -5.84 1.38 16.92
N LYS A 7 -6.61 1.01 15.89
CA LYS A 7 -6.31 1.42 14.51
C LYS A 7 -4.98 0.83 14.05
N HIS A 8 -4.81 -0.46 14.27
CA HIS A 8 -3.58 -1.13 13.88
C HIS A 8 -3.52 -1.34 12.36
N VAL A 9 -3.44 -0.22 11.63
CA VAL A 9 -3.37 -0.26 10.16
C VAL A 9 -2.13 0.53 9.71
N PRO A 10 -0.97 -0.04 9.87
CA PRO A 10 0.28 0.66 9.48
C PRO A 10 0.27 1.03 8.01
N GLY A 11 -0.52 0.29 7.23
CA GLY A 11 -0.62 0.55 5.81
C GLY A 11 -1.85 -0.11 5.21
N GLY A 12 -2.70 0.71 4.60
CA GLY A 12 -3.91 0.20 3.95
C GLY A 12 -3.58 -0.29 2.54
N GLY A 13 -2.31 -0.21 2.20
CA GLY A 13 -1.81 -0.64 0.89
C GLY A 13 -1.71 0.56 -0.05
N SER A 14 -2.21 1.70 0.42
CA SER A 14 -2.11 2.93 -0.35
C SER A 14 -0.65 3.26 -0.59
N VAL A 15 0.16 2.88 0.40
CA VAL A 15 1.59 3.15 0.39
C VAL A 15 2.15 3.43 -1.00
N GLN A 16 2.57 2.38 -1.66
CA GLN A 16 3.19 2.48 -2.98
C GLN A 16 2.80 1.31 -3.86
N ILE A 17 3.09 1.42 -5.16
CA ILE A 17 2.72 0.35 -6.07
C ILE A 17 3.96 -0.42 -6.53
N VAL A 18 3.96 -1.72 -6.24
CA VAL A 18 5.03 -2.58 -6.71
C VAL A 18 4.97 -2.65 -8.21
N TYR A 19 3.72 -2.65 -8.70
CA TYR A 19 3.42 -2.75 -10.11
C TYR A 19 3.88 -1.64 -11.03
N LYS A 20 3.94 -0.39 -10.59
CA LYS A 20 4.46 0.61 -11.52
C LYS A 20 3.76 0.43 -12.87
N PRO A 21 2.52 0.79 -12.99
CA PRO A 21 1.77 0.49 -14.26
C PRO A 21 2.57 0.79 -15.56
N VAL A 22 3.36 1.84 -15.56
CA VAL A 22 4.16 2.19 -16.75
C VAL A 22 5.23 1.15 -17.20
N ASP A 23 5.94 0.49 -16.28
CA ASP A 23 7.03 -0.38 -16.73
C ASP A 23 6.62 -1.42 -17.77
N LEU A 24 5.50 -2.09 -17.62
CA LEU A 24 5.09 -3.03 -18.65
C LEU A 24 4.75 -2.25 -19.91
N SER A 25 4.15 -1.08 -19.71
CA SER A 25 3.80 -0.21 -20.81
C SER A 25 5.03 0.18 -21.60
N LYS A 26 6.15 0.35 -20.89
CA LYS A 26 7.37 0.78 -21.55
C LYS A 26 8.07 -0.37 -22.25
N VAL A 27 8.32 -0.16 -23.54
CA VAL A 27 9.01 -1.14 -24.36
C VAL A 27 10.08 -0.43 -25.20
N THR A 28 11.23 -1.07 -25.39
CA THR A 28 12.31 -0.47 -26.19
C THR A 28 13.44 -1.47 -26.45
N GLY A 1 -9.93 0.05 31.72
CA GLY A 1 -9.23 -1.22 31.57
C GLY A 1 -9.01 -1.53 30.09
N SER A 2 -10.08 -1.49 29.30
CA SER A 2 -9.95 -1.76 27.87
C SER A 2 -10.31 -0.53 27.06
N LYS A 3 -9.53 -0.30 26.01
CA LYS A 3 -9.71 0.84 25.13
C LYS A 3 -9.65 0.44 23.67
N ASP A 4 -9.53 1.44 22.80
CA ASP A 4 -9.45 1.23 21.35
C ASP A 4 -8.02 0.89 20.98
N ASN A 5 -7.23 0.63 22.01
CA ASN A 5 -5.84 0.28 21.84
C ASN A 5 -5.15 1.19 20.87
N ILE A 6 -4.32 0.62 20.01
CA ILE A 6 -3.60 1.46 19.08
C ILE A 6 -3.90 1.07 17.64
N LYS A 7 -4.28 2.08 16.91
CA LYS A 7 -4.61 1.95 15.49
C LYS A 7 -3.41 1.47 14.65
N HIS A 8 -2.22 1.93 15.02
CA HIS A 8 -1.00 1.56 14.30
C HIS A 8 -1.23 1.46 12.77
N VAL A 9 -1.62 2.59 12.17
CA VAL A 9 -1.85 2.64 10.73
C VAL A 9 -0.99 3.74 10.11
N PRO A 10 0.30 3.51 10.02
CA PRO A 10 1.22 4.49 9.39
C PRO A 10 0.76 4.72 7.97
N GLY A 11 -0.06 3.77 7.54
CA GLY A 11 -0.63 3.75 6.21
C GLY A 11 -0.13 2.53 5.46
N GLY A 12 -0.90 2.12 4.48
CA GLY A 12 -0.56 0.97 3.67
C GLY A 12 -1.39 1.01 2.41
N GLY A 13 -1.24 0.02 1.55
CA GLY A 13 -2.01 0.00 0.31
C GLY A 13 -1.69 1.25 -0.51
N SER A 14 -2.17 2.40 -0.02
CA SER A 14 -1.95 3.67 -0.68
C SER A 14 -0.46 3.97 -0.86
N VAL A 15 0.32 3.54 0.11
CA VAL A 15 1.77 3.78 0.12
C VAL A 15 2.42 3.71 -1.27
N GLN A 16 3.05 2.56 -1.53
CA GLN A 16 3.80 2.32 -2.76
C GLN A 16 3.15 1.25 -3.62
N ILE A 17 3.51 1.24 -4.90
CA ILE A 17 2.95 0.28 -5.84
C ILE A 17 3.92 -0.86 -6.16
N VAL A 18 3.46 -2.06 -5.82
CA VAL A 18 4.17 -3.27 -6.15
C VAL A 18 4.14 -3.44 -7.64
N TYR A 19 2.94 -3.11 -8.16
CA TYR A 19 2.64 -3.20 -9.58
C TYR A 19 3.44 -2.32 -10.53
N LYS A 20 3.87 -1.15 -10.12
CA LYS A 20 4.67 -0.33 -11.05
C LYS A 20 3.91 -0.16 -12.39
N PRO A 21 2.79 0.52 -12.36
CA PRO A 21 1.95 0.74 -13.57
C PRO A 21 2.36 -0.01 -14.85
N VAL A 22 2.49 0.76 -15.94
CA VAL A 22 2.78 0.22 -17.27
C VAL A 22 4.15 0.63 -17.80
N ASP A 23 5.12 0.87 -16.94
CA ASP A 23 6.41 1.31 -17.41
C ASP A 23 6.94 0.39 -18.51
N LEU A 24 6.71 -0.91 -18.42
CA LEU A 24 7.18 -1.81 -19.48
C LEU A 24 6.57 -1.42 -20.84
N SER A 25 5.32 -0.97 -20.80
CA SER A 25 4.60 -0.54 -22.01
C SER A 25 5.31 0.65 -22.65
N LYS A 26 6.11 1.33 -21.85
CA LYS A 26 6.82 2.54 -22.28
C LYS A 26 7.68 2.27 -23.52
N VAL A 27 8.25 1.08 -23.64
CA VAL A 27 9.08 0.75 -24.80
C VAL A 27 8.64 -0.56 -25.43
N THR A 28 8.68 -0.61 -26.77
CA THR A 28 8.28 -1.80 -27.51
C THR A 28 9.45 -2.77 -27.65
N GLY A 1 -7.13 -8.33 32.40
CA GLY A 1 -5.93 -8.13 31.61
C GLY A 1 -6.28 -7.62 30.22
N SER A 2 -7.05 -6.54 30.16
CA SER A 2 -7.44 -5.97 28.88
C SER A 2 -6.97 -4.52 28.77
N LYS A 3 -6.76 -4.09 27.53
CA LYS A 3 -6.29 -2.73 27.27
C LYS A 3 -7.11 -2.12 26.16
N ASP A 4 -6.93 -0.83 25.95
CA ASP A 4 -7.68 -0.18 24.92
C ASP A 4 -7.29 -0.79 23.58
N ASN A 5 -8.27 -0.90 22.71
CA ASN A 5 -8.05 -1.52 21.41
C ASN A 5 -7.09 -0.71 20.56
N ILE A 6 -6.10 -1.43 20.01
CA ILE A 6 -5.09 -0.81 19.17
C ILE A 6 -5.17 -1.33 17.74
N LYS A 7 -5.16 -0.42 16.77
CA LYS A 7 -5.23 -0.80 15.36
C LYS A 7 -3.87 -0.65 14.66
N HIS A 8 -3.51 -1.65 13.87
CA HIS A 8 -2.26 -1.63 13.11
C HIS A 8 -2.55 -1.70 11.62
N VAL A 9 -1.79 -0.94 10.83
CA VAL A 9 -1.98 -0.91 9.38
C VAL A 9 -0.70 -1.26 8.64
N PRO A 10 -0.37 -2.53 8.56
CA PRO A 10 0.86 -2.92 7.82
C PRO A 10 0.77 -2.40 6.40
N GLY A 11 1.90 -2.02 5.82
CA GLY A 11 1.85 -1.50 4.47
C GLY A 11 1.05 -2.44 3.59
N GLY A 12 -0.16 -2.01 3.22
CA GLY A 12 -1.03 -2.81 2.37
C GLY A 12 -0.57 -2.71 0.93
N GLY A 13 0.46 -1.90 0.73
CA GLY A 13 1.01 -1.66 -0.59
C GLY A 13 0.39 -0.41 -1.17
N SER A 14 -0.52 0.17 -0.39
CA SER A 14 -1.17 1.42 -0.80
C SER A 14 -0.28 2.59 -0.44
N VAL A 15 0.88 2.26 0.11
CA VAL A 15 1.84 3.27 0.52
C VAL A 15 2.28 4.10 -0.68
N GLN A 16 2.48 3.42 -1.81
CA GLN A 16 2.89 4.10 -3.04
C GLN A 16 2.58 3.25 -4.28
N ILE A 17 3.49 2.38 -4.72
CA ILE A 17 3.23 1.55 -5.89
C ILE A 17 3.40 0.07 -5.58
N VAL A 18 2.83 -0.76 -6.43
CA VAL A 18 2.94 -2.21 -6.28
C VAL A 18 3.21 -2.83 -7.65
N TYR A 19 2.23 -2.70 -8.54
CA TYR A 19 2.36 -3.21 -9.89
C TYR A 19 3.42 -2.46 -10.70
N LYS A 20 3.78 -1.27 -10.26
CA LYS A 20 4.78 -0.49 -10.97
C LYS A 20 4.23 -0.02 -12.33
N PRO A 21 3.22 0.82 -12.32
CA PRO A 21 2.59 1.34 -13.57
C PRO A 21 3.18 0.75 -14.85
N VAL A 22 2.79 -0.50 -15.14
CA VAL A 22 3.25 -1.21 -16.34
C VAL A 22 4.23 -0.37 -17.16
N ASP A 23 5.42 -0.21 -16.60
CA ASP A 23 6.48 0.58 -17.21
C ASP A 23 6.83 0.14 -18.63
N LEU A 24 6.77 -1.16 -18.90
CA LEU A 24 7.11 -1.66 -20.23
C LEU A 24 6.21 -1.06 -21.30
N SER A 25 4.95 -0.83 -20.95
CA SER A 25 3.99 -0.26 -21.88
C SER A 25 4.42 1.14 -22.31
N LYS A 26 5.19 1.80 -21.46
CA LYS A 26 5.63 3.17 -21.73
C LYS A 26 6.41 3.27 -23.04
N VAL A 27 7.21 2.24 -23.34
CA VAL A 27 8.00 2.23 -24.57
C VAL A 27 7.86 0.91 -25.31
N THR A 28 7.83 0.97 -26.64
CA THR A 28 7.71 -0.23 -27.45
C THR A 28 8.97 -1.08 -27.33
N GLY A 1 -10.13 -6.50 26.87
CA GLY A 1 -11.23 -6.44 27.82
C GLY A 1 -12.29 -5.44 27.38
N SER A 2 -12.56 -4.45 28.24
CA SER A 2 -13.55 -3.43 27.92
C SER A 2 -12.93 -2.34 27.04
N LYS A 3 -11.66 -2.53 26.69
CA LYS A 3 -10.96 -1.56 25.85
C LYS A 3 -10.97 -1.99 24.39
N ASP A 4 -10.91 -1.01 23.50
CA ASP A 4 -10.89 -1.26 22.07
C ASP A 4 -9.46 -1.49 21.64
N ASN A 5 -8.61 -1.61 22.64
CA ASN A 5 -7.21 -1.83 22.39
C ASN A 5 -6.64 -0.73 21.58
N ILE A 6 -5.74 -1.08 20.71
CA ILE A 6 -5.09 -0.10 19.90
C ILE A 6 -5.28 -0.33 18.42
N LYS A 7 -5.67 0.74 17.79
CA LYS A 7 -5.87 0.77 16.34
C LYS A 7 -4.59 1.26 15.65
N HIS A 8 -4.13 0.55 14.63
CA HIS A 8 -2.91 0.97 13.93
C HIS A 8 -3.14 1.05 12.42
N VAL A 9 -2.63 2.11 11.78
CA VAL A 9 -2.79 2.29 10.33
C VAL A 9 -1.44 2.45 9.64
N PRO A 10 -0.70 1.37 9.45
CA PRO A 10 0.62 1.45 8.77
C PRO A 10 0.47 2.02 7.37
N GLY A 11 -0.71 1.85 6.80
CA GLY A 11 -1.00 2.34 5.47
C GLY A 11 -2.39 1.91 4.99
N GLY A 12 -3.11 2.87 4.44
CA GLY A 12 -4.47 2.65 3.92
C GLY A 12 -4.51 2.92 2.41
N GLY A 13 -3.55 2.35 1.69
CA GLY A 13 -3.43 2.54 0.24
C GLY A 13 -2.38 3.59 -0.04
N SER A 14 -1.92 4.21 1.05
CA SER A 14 -0.85 5.20 1.01
C SER A 14 0.46 4.43 1.04
N VAL A 15 0.30 3.11 1.10
CA VAL A 15 1.41 2.19 1.24
C VAL A 15 2.40 2.31 0.09
N GLN A 16 1.87 2.47 -1.13
CA GLN A 16 2.68 2.59 -2.36
C GLN A 16 2.25 1.48 -3.33
N ILE A 17 2.75 1.52 -4.54
CA ILE A 17 2.42 0.49 -5.54
C ILE A 17 3.68 -0.20 -6.02
N VAL A 18 3.53 -1.43 -6.50
CA VAL A 18 4.68 -2.19 -7.01
C VAL A 18 4.37 -2.86 -8.36
N TYR A 19 3.11 -2.75 -8.80
CA TYR A 19 2.69 -3.41 -10.03
C TYR A 19 3.38 -2.84 -11.26
N LYS A 20 3.94 -1.65 -11.13
CA LYS A 20 4.60 -1.03 -12.28
C LYS A 20 3.57 -0.89 -13.38
N PRO A 21 2.58 -0.08 -13.13
CA PRO A 21 1.46 0.15 -14.08
C PRO A 21 1.73 -0.35 -15.50
N VAL A 22 2.74 0.17 -16.18
CA VAL A 22 3.04 -0.27 -17.54
C VAL A 22 4.30 0.40 -18.08
N ASP A 23 5.18 0.81 -17.19
CA ASP A 23 6.40 1.48 -17.60
C ASP A 23 7.23 0.64 -18.57
N LEU A 24 7.27 -0.67 -18.35
CA LEU A 24 8.07 -1.54 -19.22
C LEU A 24 7.62 -1.36 -20.69
N SER A 25 6.31 -1.25 -20.90
CA SER A 25 5.77 -1.04 -22.26
C SER A 25 6.25 0.27 -22.87
N LYS A 26 6.54 1.24 -22.02
CA LYS A 26 6.96 2.56 -22.48
C LYS A 26 8.22 2.49 -23.35
N VAL A 27 9.14 1.59 -23.03
CA VAL A 27 10.37 1.47 -23.82
C VAL A 27 10.12 0.77 -25.15
N THR A 28 10.71 1.31 -26.21
CA THR A 28 10.53 0.74 -27.53
C THR A 28 9.08 0.34 -27.76
N GLY A 1 -10.91 -5.73 32.55
CA GLY A 1 -10.77 -4.62 31.60
C GLY A 1 -9.55 -4.83 30.71
N SER A 2 -9.68 -5.71 29.72
CA SER A 2 -8.58 -5.98 28.81
C SER A 2 -8.23 -4.72 28.01
N LYS A 3 -6.99 -4.64 27.54
CA LYS A 3 -6.53 -3.50 26.79
C LYS A 3 -6.55 -3.78 25.29
N ASP A 4 -6.80 -2.74 24.52
CA ASP A 4 -6.82 -2.85 23.05
C ASP A 4 -5.40 -2.66 22.58
N ASN A 5 -4.51 -2.68 23.57
CA ASN A 5 -3.08 -2.48 23.40
C ASN A 5 -2.74 -1.60 22.23
N ILE A 6 -1.86 -2.08 21.36
CA ILE A 6 -1.45 -1.26 20.24
C ILE A 6 -1.72 -1.90 18.90
N LYS A 7 -2.34 -1.09 18.09
CA LYS A 7 -2.65 -1.47 16.70
C LYS A 7 -1.63 -0.85 15.74
N HIS A 8 -1.00 -1.65 14.88
CA HIS A 8 -0.02 -1.10 13.93
C HIS A 8 -0.20 -1.71 12.52
N VAL A 9 -0.59 -0.88 11.54
CA VAL A 9 -0.78 -1.38 10.16
C VAL A 9 -0.14 -0.49 9.08
N PRO A 10 1.16 -0.46 8.94
CA PRO A 10 1.78 0.37 7.85
C PRO A 10 1.34 -0.08 6.45
N GLY A 11 0.92 -1.35 6.37
CA GLY A 11 0.50 -1.96 5.12
C GLY A 11 -0.90 -1.53 4.68
N GLY A 12 -1.20 -0.23 4.72
CA GLY A 12 -2.50 0.23 4.29
C GLY A 12 -2.66 -0.20 2.85
N GLY A 13 -1.51 -0.31 2.21
CA GLY A 13 -1.42 -0.61 0.81
C GLY A 13 -1.29 0.72 0.14
N SER A 14 -1.31 1.73 1.02
CA SER A 14 -1.19 3.11 0.61
C SER A 14 0.28 3.48 0.43
N VAL A 15 1.14 2.50 0.65
CA VAL A 15 2.57 2.72 0.55
C VAL A 15 3.00 3.15 -0.85
N GLN A 16 2.43 2.49 -1.86
CA GLN A 16 2.74 2.77 -3.25
C GLN A 16 2.05 1.76 -4.16
N ILE A 17 2.55 1.63 -5.37
CA ILE A 17 2.01 0.66 -6.33
C ILE A 17 3.06 -0.40 -6.62
N VAL A 18 2.74 -1.67 -6.39
CA VAL A 18 3.70 -2.71 -6.73
C VAL A 18 3.90 -2.69 -8.25
N TYR A 19 2.77 -2.49 -8.92
CA TYR A 19 2.72 -2.41 -10.38
C TYR A 19 3.40 -1.21 -11.04
N LYS A 20 3.41 -0.05 -10.42
CA LYS A 20 4.06 1.09 -11.05
C LYS A 20 3.64 1.17 -12.53
N PRO A 21 2.36 1.34 -12.82
CA PRO A 21 1.91 1.42 -14.25
C PRO A 21 2.86 0.71 -15.21
N VAL A 22 3.12 -0.58 -14.92
CA VAL A 22 4.00 -1.42 -15.73
C VAL A 22 4.65 -0.66 -16.88
N ASP A 23 5.75 0.03 -16.58
CA ASP A 23 6.46 0.80 -17.59
C ASP A 23 6.85 -0.08 -18.78
N LEU A 24 7.21 -1.33 -18.50
CA LEU A 24 7.63 -2.26 -19.54
C LEU A 24 6.53 -2.47 -20.58
N SER A 25 5.27 -2.42 -20.16
CA SER A 25 4.17 -2.63 -21.10
C SER A 25 4.19 -1.59 -22.19
N LYS A 26 4.72 -0.40 -21.88
CA LYS A 26 4.77 0.63 -22.89
C LYS A 26 6.10 0.57 -23.62
N VAL A 27 6.02 0.74 -24.93
CA VAL A 27 7.21 0.69 -25.78
C VAL A 27 7.23 1.89 -26.73
N THR A 28 8.42 2.42 -26.98
CA THR A 28 8.57 3.57 -27.88
C THR A 28 9.32 3.16 -29.15
N GLY A 1 -14.34 -2.49 29.63
CA GLY A 1 -13.21 -1.65 30.01
C GLY A 1 -12.03 -1.87 29.07
N SER A 2 -12.17 -1.39 27.84
CA SER A 2 -11.11 -1.52 26.83
C SER A 2 -10.69 -0.16 26.31
N LYS A 3 -9.47 -0.06 25.80
CA LYS A 3 -8.96 1.18 25.27
C LYS A 3 -9.21 1.24 23.78
N ASP A 4 -9.40 2.45 23.26
CA ASP A 4 -9.61 2.61 21.84
C ASP A 4 -8.40 2.07 21.11
N ASN A 5 -7.25 2.21 21.75
CA ASN A 5 -6.00 1.73 21.18
C ASN A 5 -5.74 2.42 19.85
N ILE A 6 -5.95 3.73 19.83
CA ILE A 6 -5.79 4.54 18.62
C ILE A 6 -6.24 3.76 17.38
N LYS A 7 -5.32 3.50 16.45
CA LYS A 7 -5.71 2.74 15.25
C LYS A 7 -4.48 2.09 14.58
N HIS A 8 -3.93 2.78 13.56
CA HIS A 8 -2.75 2.28 12.83
C HIS A 8 -3.07 1.13 11.87
N VAL A 9 -3.45 1.49 10.64
CA VAL A 9 -3.78 0.51 9.60
C VAL A 9 -2.90 0.75 8.36
N PRO A 10 -1.66 0.34 8.40
CA PRO A 10 -0.72 0.56 7.25
C PRO A 10 -1.24 0.00 5.93
N GLY A 11 -2.12 -0.99 6.00
CA GLY A 11 -2.69 -1.57 4.78
C GLY A 11 -3.70 -0.59 4.19
N GLY A 12 -3.58 0.65 4.64
CA GLY A 12 -4.44 1.74 4.21
C GLY A 12 -4.41 1.89 2.70
N GLY A 13 -3.33 1.41 2.11
CA GLY A 13 -3.09 1.57 0.69
C GLY A 13 -2.16 2.74 0.60
N SER A 14 -1.95 3.30 1.80
CA SER A 14 -1.05 4.37 2.02
C SER A 14 0.33 3.83 1.72
N VAL A 15 0.40 2.50 1.77
CA VAL A 15 1.64 1.77 1.57
C VAL A 15 2.25 2.10 0.21
N GLN A 16 1.38 2.18 -0.81
CA GLN A 16 1.78 2.50 -2.18
C GLN A 16 1.78 1.21 -3.01
N ILE A 17 1.73 1.34 -4.34
CA ILE A 17 1.75 0.16 -5.19
C ILE A 17 3.03 0.13 -6.04
N VAL A 18 3.71 -1.01 -6.00
CA VAL A 18 4.95 -1.26 -6.75
C VAL A 18 4.66 -1.78 -8.16
N TYR A 19 3.40 -1.76 -8.56
CA TYR A 19 3.00 -2.33 -9.85
C TYR A 19 3.78 -1.77 -11.05
N LYS A 20 4.22 -0.51 -11.03
CA LYS A 20 5.02 0.02 -12.15
C LYS A 20 4.29 -0.11 -13.49
N PRO A 21 3.24 0.65 -13.65
CA PRO A 21 2.38 0.66 -14.86
C PRO A 21 3.14 0.92 -16.18
N VAL A 22 2.61 0.32 -17.25
CA VAL A 22 3.16 0.43 -18.60
C VAL A 22 4.68 0.40 -18.63
N ASP A 23 5.30 0.04 -17.51
CA ASP A 23 6.75 -0.02 -17.47
C ASP A 23 7.25 -0.94 -18.57
N LEU A 24 6.51 -2.01 -18.84
CA LEU A 24 6.88 -2.95 -19.89
C LEU A 24 6.93 -2.27 -21.26
N SER A 25 6.02 -1.31 -21.48
CA SER A 25 5.97 -0.57 -22.76
C SER A 25 7.26 0.21 -22.99
N LYS A 26 7.92 0.54 -21.89
CA LYS A 26 9.16 1.32 -21.87
C LYS A 26 10.29 0.69 -22.67
N VAL A 27 10.30 -0.64 -22.84
CA VAL A 27 11.43 -1.28 -23.54
C VAL A 27 10.99 -1.80 -24.90
N THR A 28 11.89 -1.58 -25.87
CA THR A 28 11.67 -1.95 -27.25
C THR A 28 12.63 -3.08 -27.64
N GLY A 1 -1.66 -6.82 26.01
CA GLY A 1 -1.69 -5.85 27.11
C GLY A 1 -2.28 -4.53 26.65
N SER A 2 -3.36 -4.60 25.85
CA SER A 2 -4.01 -3.39 25.36
C SER A 2 -5.46 -3.35 25.81
N LYS A 3 -6.00 -2.14 25.94
CA LYS A 3 -7.38 -1.98 26.39
C LYS A 3 -8.36 -2.07 25.25
N ASP A 4 -8.39 -1.02 24.45
CA ASP A 4 -9.27 -0.95 23.31
C ASP A 4 -8.57 -1.54 22.11
N ASN A 5 -7.40 -2.10 22.34
CA ASN A 5 -6.68 -2.77 21.23
C ASN A 5 -6.36 -1.85 20.04
N ILE A 6 -5.70 -0.71 20.28
CA ILE A 6 -5.39 0.19 19.15
C ILE A 6 -4.26 -0.40 18.31
N LYS A 7 -4.40 -0.23 16.99
CA LYS A 7 -3.44 -0.76 16.02
C LYS A 7 -2.91 0.33 15.10
N HIS A 8 -1.71 0.11 14.58
CA HIS A 8 -1.10 1.07 13.64
C HIS A 8 -0.75 0.33 12.34
N VAL A 9 -1.16 0.88 11.20
CA VAL A 9 -0.88 0.24 9.91
C VAL A 9 -0.15 1.17 8.94
N PRO A 10 1.14 1.37 9.11
CA PRO A 10 1.88 2.23 8.16
C PRO A 10 1.77 1.67 6.76
N GLY A 11 1.59 0.35 6.68
CA GLY A 11 1.44 -0.34 5.41
C GLY A 11 0.12 -1.10 5.34
N GLY A 12 -0.80 -0.55 4.57
CA GLY A 12 -2.12 -1.16 4.39
C GLY A 12 -2.57 -1.01 2.94
N GLY A 13 -1.60 -1.05 2.05
CA GLY A 13 -1.86 -0.87 0.62
C GLY A 13 -1.62 0.59 0.28
N SER A 14 -1.26 1.34 1.32
CA SER A 14 -0.96 2.75 1.21
C SER A 14 0.48 2.93 0.74
N VAL A 15 1.17 1.80 0.54
CA VAL A 15 2.56 1.82 0.13
C VAL A 15 2.73 2.59 -1.18
N GLN A 16 1.77 2.42 -2.09
CA GLN A 16 1.76 3.13 -3.39
C GLN A 16 2.41 2.36 -4.54
N ILE A 17 1.74 2.48 -5.68
CA ILE A 17 2.14 1.90 -6.96
C ILE A 17 3.19 0.79 -6.89
N VAL A 18 3.14 -0.04 -5.86
CA VAL A 18 4.11 -1.13 -5.76
C VAL A 18 4.06 -1.94 -7.04
N TYR A 19 2.85 -2.10 -7.55
CA TYR A 19 2.61 -2.84 -8.78
C TYR A 19 3.33 -2.28 -10.01
N LYS A 20 3.61 -0.98 -10.08
CA LYS A 20 4.33 -0.45 -11.25
C LYS A 20 3.46 -0.51 -12.50
N PRO A 21 2.49 0.37 -12.59
CA PRO A 21 1.52 0.39 -13.72
C PRO A 21 2.16 0.45 -15.13
N VAL A 22 3.33 1.09 -15.26
CA VAL A 22 3.97 1.17 -16.58
C VAL A 22 5.40 0.61 -16.54
N ASP A 23 5.72 -0.19 -17.52
CA ASP A 23 7.05 -0.78 -17.64
C ASP A 23 7.38 -0.98 -19.11
N LEU A 24 7.01 -2.14 -19.62
CA LEU A 24 7.22 -2.47 -21.03
C LEU A 24 6.50 -1.46 -21.91
N SER A 25 5.38 -0.95 -21.42
CA SER A 25 4.58 0.00 -22.19
C SER A 25 5.42 1.19 -22.65
N LYS A 26 6.39 1.59 -21.84
CA LYS A 26 7.23 2.72 -22.21
C LYS A 26 7.93 2.46 -23.54
N VAL A 27 8.27 1.20 -23.79
CA VAL A 27 8.95 0.83 -25.04
C VAL A 27 8.09 -0.10 -25.89
N THR A 28 8.04 0.19 -27.19
CA THR A 28 7.25 -0.63 -28.11
C THR A 28 8.16 -1.33 -29.12
#